data_2PKX
#
_entry.id   2PKX
#
_cell.length_a   102.645
_cell.length_b   102.645
_cell.length_c   62.641
_cell.angle_alpha   90.00
_cell.angle_beta   90.00
_cell.angle_gamma   120.00
#
_symmetry.space_group_name_H-M   'P 65'
#
loop_
_entity.id
_entity.type
_entity.pdbx_description
1 polymer 'Transcriptional regulatory protein phoP'
2 water water
#
_entity_poly.entity_id   1
_entity_poly.type   'polypeptide(L)'
_entity_poly.pdbx_seq_one_letter_code
;(MSE)RVLVVEDNALLRHHLKVQIQDAGHQVDDAEDAKEADYYLNEHIPDIAIVDLGLPDEDGLSLIRRWRSNDVSLPIL
VLTARESWQDKVEVLSAGADDYVTKPFHIEEV(MSE)AR(MSE)QAL(MSE)RRNSQ
;
_entity_poly.pdbx_strand_id   A,B
#
# COMPACT_ATOMS: atom_id res chain seq x y z
N ARG A 2 -0.44 5.12 17.75
CA ARG A 2 0.98 5.43 17.88
C ARG A 2 1.84 5.27 16.58
N VAL A 3 2.61 6.31 16.25
CA VAL A 3 3.37 6.31 14.98
C VAL A 3 4.83 6.59 15.25
N LEU A 4 5.69 5.76 14.67
CA LEU A 4 7.17 5.98 14.67
C LEU A 4 7.68 6.55 13.31
N VAL A 5 8.16 7.78 13.33
CA VAL A 5 8.70 8.43 12.14
C VAL A 5 10.22 8.36 12.22
N VAL A 6 10.84 7.80 11.16
CA VAL A 6 12.32 7.66 11.09
C VAL A 6 12.84 8.46 9.90
N GLU A 7 13.45 9.59 10.22
CA GLU A 7 13.73 10.60 9.22
C GLU A 7 14.97 11.41 9.64
N ASP A 8 16.02 11.32 8.82
CA ASP A 8 17.33 11.96 9.01
C ASP A 8 17.30 13.47 8.88
N ASN A 9 16.39 14.01 8.08
CA ASN A 9 16.25 15.45 7.90
C ASN A 9 15.39 16.09 9.00
N ALA A 10 16.05 16.80 9.92
CA ALA A 10 15.33 17.43 11.07
C ALA A 10 14.01 18.19 10.75
N LEU A 11 14.01 19.05 9.73
CA LEU A 11 12.80 19.80 9.34
C LEU A 11 11.63 18.93 8.83
N LEU A 12 11.95 17.92 8.00
CA LEU A 12 10.91 17.06 7.44
C LEU A 12 10.36 16.23 8.57
N ARG A 13 11.28 15.70 9.39
CA ARG A 13 10.92 14.94 10.60
C ARG A 13 9.98 15.73 11.53
N HIS A 14 10.34 16.97 11.81
CA HIS A 14 9.52 17.85 12.66
C HIS A 14 8.17 18.09 12.02
N HIS A 15 8.17 18.54 10.76
CA HIS A 15 6.93 18.68 9.98
C HIS A 15 6.04 17.45 9.92
N LEU A 16 6.64 16.27 9.68
CA LEU A 16 5.87 15.04 9.68
C LEU A 16 5.24 14.82 11.05
N LYS A 17 6.01 15.03 12.11
CA LYS A 17 5.52 14.80 13.44
C LYS A 17 4.29 15.64 13.74
N VAL A 18 4.30 16.94 13.41
CA VAL A 18 3.13 17.71 13.76
C VAL A 18 1.91 17.40 12.88
N GLN A 19 2.05 17.14 11.59
CA GLN A 19 0.88 16.69 10.76
C GLN A 19 0.19 15.48 11.31
N ILE A 20 0.98 14.49 11.72
CA ILE A 20 0.47 13.28 12.28
C ILE A 20 -0.17 13.57 13.63
N GLN A 21 0.47 14.43 14.43
CA GLN A 21 -0.14 14.89 15.70
C GLN A 21 -1.46 15.65 15.48
N ASP A 22 -1.49 16.52 14.47
CA ASP A 22 -2.72 17.23 14.09
C ASP A 22 -3.87 16.28 13.73
N ALA A 23 -3.57 15.14 13.09
CA ALA A 23 -4.57 14.09 12.86
C ALA A 23 -4.94 13.25 14.11
N GLY A 24 -4.35 13.59 15.26
CA GLY A 24 -4.67 12.97 16.56
C GLY A 24 -3.92 11.73 17.03
N HIS A 25 -2.77 11.41 16.45
CA HIS A 25 -1.93 10.30 16.96
C HIS A 25 -0.74 10.74 17.81
N GLN A 26 -0.21 9.87 18.67
CA GLN A 26 1.08 10.23 19.25
C GLN A 26 2.22 9.71 18.40
N VAL A 27 3.30 10.47 18.40
CA VAL A 27 4.41 10.24 17.50
C VAL A 27 5.76 10.17 18.18
N ASP A 28 6.47 9.08 17.95
CA ASP A 28 7.89 9.05 18.24
C ASP A 28 8.63 9.43 16.96
N ASP A 29 9.54 10.40 17.06
CA ASP A 29 10.30 10.80 15.92
C ASP A 29 11.78 10.53 16.11
N ALA A 30 12.30 9.57 15.34
CA ALA A 30 13.68 9.17 15.41
C ALA A 30 14.50 9.68 14.20
N GLU A 31 15.75 10.09 14.46
CA GLU A 31 16.70 10.64 13.50
C GLU A 31 17.49 9.65 12.69
N ASP A 32 17.72 8.46 13.23
CA ASP A 32 18.50 7.46 12.51
C ASP A 32 18.04 6.04 12.89
N ALA A 33 18.70 4.99 12.39
CA ALA A 33 18.27 3.62 12.69
C ALA A 33 18.37 3.25 14.18
N LYS A 34 19.48 3.65 14.81
CA LYS A 34 19.76 3.24 16.19
C LYS A 34 18.69 3.89 17.09
N GLU A 35 18.41 5.18 16.85
CA GLU A 35 17.32 5.80 17.60
C GLU A 35 15.93 5.16 17.31
N ALA A 36 15.71 4.67 16.09
CA ALA A 36 14.48 3.93 15.75
C ALA A 36 14.37 2.71 16.64
N ASP A 37 15.49 1.98 16.81
CA ASP A 37 15.54 0.81 17.64
C ASP A 37 15.24 1.18 19.08
N TYR A 38 15.74 2.37 19.50
CA TYR A 38 15.41 2.89 20.81
C TYR A 38 13.88 3.01 21.04
N TYR A 39 13.20 3.77 20.20
CA TYR A 39 11.76 3.89 20.33
C TYR A 39 10.96 2.58 20.23
N LEU A 40 11.37 1.68 19.33
CA LEU A 40 10.71 0.41 19.11
C LEU A 40 10.76 -0.42 20.37
N ASN A 41 11.91 -0.41 21.05
CA ASN A 41 12.09 -1.09 22.32
C ASN A 41 11.26 -0.44 23.45
N GLU A 42 10.95 0.85 23.32
CA GLU A 42 10.13 1.58 24.30
C GLU A 42 8.63 1.27 24.09
N HIS A 43 8.14 1.44 22.87
CA HIS A 43 6.75 1.15 22.57
C HIS A 43 6.61 0.63 21.16
N ILE A 44 5.80 -0.42 21.03
CA ILE A 44 5.42 -0.90 19.70
C ILE A 44 4.44 0.10 19.06
N PRO A 45 4.86 0.72 17.96
CA PRO A 45 3.95 1.61 17.27
C PRO A 45 2.97 0.84 16.36
N ASP A 46 1.89 1.49 15.97
CA ASP A 46 0.92 0.90 15.08
C ASP A 46 1.45 0.88 13.66
N ILE A 47 2.50 1.68 13.40
CA ILE A 47 3.08 1.88 12.10
C ILE A 47 4.42 2.61 12.21
N ALA A 48 5.36 2.34 11.30
CA ALA A 48 6.61 3.10 11.22
C ALA A 48 6.72 3.71 9.85
N ILE A 49 7.05 4.99 9.79
CA ILE A 49 7.35 5.65 8.53
C ILE A 49 8.87 5.79 8.48
N VAL A 50 9.47 5.18 7.46
CA VAL A 50 10.87 5.07 7.35
C VAL A 50 11.41 5.64 6.04
N ASP A 51 12.16 6.72 6.16
CA ASP A 51 12.89 7.24 5.06
C ASP A 51 14.15 6.40 4.87
N LEU A 52 14.53 6.12 3.64
CA LEU A 52 15.67 5.24 3.43
C LEU A 52 17.01 5.93 3.61
N GLY A 53 17.05 7.26 3.48
CA GLY A 53 18.29 8.00 3.49
C GLY A 53 18.78 8.26 4.91
N LEU A 54 19.04 7.18 5.65
CA LEU A 54 19.58 7.24 6.99
C LEU A 54 21.10 7.12 6.94
N PRO A 55 21.84 7.82 7.83
CA PRO A 55 23.31 7.83 7.92
C PRO A 55 23.89 6.61 8.64
N ASP A 56 23.12 6.21 9.63
CA ASP A 56 23.24 4.97 10.38
C ASP A 56 23.43 3.68 9.66
N GLU A 57 22.40 3.39 8.95
CA GLU A 57 22.09 2.13 8.39
C GLU A 57 21.02 2.46 7.36
N ASP A 58 21.26 2.11 6.13
CA ASP A 58 20.26 2.48 5.13
C ASP A 58 18.92 1.81 5.49
N GLY A 59 17.85 2.57 5.25
CA GLY A 59 16.48 2.12 5.43
C GLY A 59 16.16 0.67 5.10
N LEU A 60 16.51 0.20 3.90
CA LEU A 60 16.25 -1.20 3.51
C LEU A 60 16.86 -2.23 4.47
N SER A 61 18.12 -2.02 4.87
CA SER A 61 18.81 -2.92 5.79
C SER A 61 18.07 -2.98 7.10
N LEU A 62 17.65 -1.79 7.55
CA LEU A 62 16.90 -1.57 8.76
C LEU A 62 15.64 -2.42 8.69
N ILE A 63 14.90 -2.27 7.58
CA ILE A 63 13.64 -2.98 7.41
C ILE A 63 13.86 -4.48 7.34
N ARG A 64 14.91 -4.91 6.62
CA ARG A 64 15.27 -6.36 6.56
C ARG A 64 15.65 -6.90 7.95
N ARG A 65 16.36 -6.08 8.74
CA ARG A 65 16.80 -6.52 10.06
C ARG A 65 15.55 -6.66 10.98
N TRP A 66 14.70 -5.65 10.96
CA TRP A 66 13.45 -5.73 11.71
C TRP A 66 12.63 -6.94 11.32
N ARG A 67 12.42 -7.16 9.99
CA ARG A 67 11.57 -8.29 9.56
C ARG A 67 12.14 -9.62 10.06
N SER A 68 13.46 -9.80 9.99
CA SER A 68 14.14 -11.03 10.41
C SER A 68 14.06 -11.23 11.93
N ASN A 69 13.96 -10.12 12.67
CA ASN A 69 13.74 -10.18 14.13
C ASN A 69 12.28 -10.18 14.54
N ASP A 70 11.42 -10.54 13.58
CA ASP A 70 10.00 -10.75 13.82
C ASP A 70 9.31 -9.44 14.26
N VAL A 71 9.78 -8.30 13.75
CA VAL A 71 9.05 -7.05 13.94
C VAL A 71 8.12 -6.94 12.72
N SER A 72 6.83 -7.11 12.93
CA SER A 72 5.97 -7.27 11.78
C SER A 72 4.99 -6.10 11.49
N LEU A 73 5.00 -5.06 12.33
CA LEU A 73 4.18 -3.88 12.15
C LEU A 73 4.31 -3.29 10.75
N PRO A 74 3.25 -2.63 10.29
CA PRO A 74 3.20 -2.00 8.99
C PRO A 74 4.27 -0.94 8.88
N ILE A 75 4.97 -0.91 7.73
CA ILE A 75 5.97 0.09 7.45
C ILE A 75 5.70 0.80 6.10
N LEU A 76 5.69 2.13 6.14
CA LEU A 76 5.54 2.96 4.97
C LEU A 76 6.88 3.64 4.82
N VAL A 77 7.50 3.43 3.67
CA VAL A 77 8.79 3.95 3.38
C VAL A 77 8.65 5.29 2.65
N LEU A 78 9.59 6.20 2.88
CA LEU A 78 9.71 7.45 2.14
C LEU A 78 10.95 7.31 1.33
N THR A 79 10.89 7.60 0.04
CA THR A 79 12.06 7.35 -0.79
C THR A 79 12.22 8.32 -1.95
N ALA A 80 13.43 8.40 -2.47
CA ALA A 80 13.75 9.33 -3.55
C ALA A 80 13.91 8.54 -4.86
N ARG A 81 14.35 7.28 -4.72
CA ARG A 81 14.50 6.31 -5.83
C ARG A 81 13.38 6.31 -6.90
N GLU A 82 13.74 6.13 -8.16
CA GLU A 82 12.75 6.30 -9.26
C GLU A 82 12.29 4.99 -9.89
N SER A 83 13.28 4.20 -10.33
CA SER A 83 13.04 2.96 -11.04
C SER A 83 11.88 2.16 -10.47
N TRP A 84 10.99 1.71 -11.39
CA TRP A 84 9.91 0.78 -11.03
C TRP A 84 10.53 -0.50 -10.46
N GLN A 85 11.75 -0.83 -10.88
CA GLN A 85 12.43 -1.95 -10.25
C GLN A 85 12.88 -1.60 -8.82
N ASP A 86 13.24 -0.33 -8.59
CA ASP A 86 13.69 0.11 -7.26
C ASP A 86 12.56 0.11 -6.26
N LYS A 87 11.39 0.57 -6.70
CA LYS A 87 10.17 0.55 -5.91
C LYS A 87 9.85 -0.87 -5.43
N VAL A 88 9.77 -1.81 -6.37
CA VAL A 88 9.55 -3.25 -6.10
C VAL A 88 10.56 -3.82 -5.11
N GLU A 89 11.83 -3.43 -5.20
CA GLU A 89 12.81 -3.93 -4.22
C GLU A 89 12.43 -3.57 -2.76
N VAL A 90 11.94 -2.34 -2.53
CA VAL A 90 11.63 -1.90 -1.16
C VAL A 90 10.54 -2.73 -0.50
N LEU A 91 9.51 -3.06 -1.27
CA LEU A 91 8.45 -3.95 -0.81
C LEU A 91 9.00 -5.37 -0.58
N SER A 92 9.87 -5.82 -1.48
CA SER A 92 10.62 -7.05 -1.23
C SER A 92 11.37 -7.06 0.12
N ALA A 93 12.02 -5.96 0.49
CA ALA A 93 12.67 -5.85 1.81
C ALA A 93 11.76 -6.10 3.02
N GLY A 94 10.47 -5.80 2.90
CA GLY A 94 9.48 -5.97 3.97
C GLY A 94 8.57 -4.76 4.18
N ALA A 95 8.81 -3.68 3.44
CA ALA A 95 7.96 -2.49 3.48
C ALA A 95 6.55 -2.78 2.95
N ASP A 96 5.55 -2.08 3.49
CA ASP A 96 4.21 -2.25 3.04
C ASP A 96 3.85 -1.28 1.90
N ASP A 97 4.44 -0.10 1.86
CA ASP A 97 4.14 0.85 0.83
C ASP A 97 5.25 1.83 0.86
N TYR A 98 5.19 2.81 -0.02
CA TYR A 98 6.21 3.82 -0.14
C TYR A 98 5.63 5.06 -0.81
N VAL A 99 6.20 6.20 -0.47
CA VAL A 99 5.88 7.44 -1.12
C VAL A 99 7.22 7.96 -1.60
N THR A 100 7.19 8.51 -2.82
CA THR A 100 8.38 9.10 -3.41
C THR A 100 8.50 10.56 -2.90
N LYS A 101 9.73 11.02 -2.67
CA LYS A 101 10.02 12.45 -2.35
C LYS A 101 10.44 13.21 -3.61
N PRO A 102 9.87 14.41 -3.84
CA PRO A 102 9.00 15.15 -2.95
C PRO A 102 7.58 14.61 -3.01
N PHE A 103 6.80 14.90 -1.99
CA PHE A 103 5.46 14.43 -1.90
C PHE A 103 4.65 15.51 -1.25
N HIS A 104 3.34 15.33 -1.31
CA HIS A 104 2.41 16.13 -0.57
C HIS A 104 2.07 15.30 0.64
N ILE A 105 2.09 15.98 1.77
CA ILE A 105 1.81 15.42 3.05
C ILE A 105 0.47 14.66 3.08
N GLU A 106 -0.48 15.13 2.27
CA GLU A 106 -1.82 14.52 2.25
C GLU A 106 -1.69 13.09 1.74
N GLU A 107 -0.76 12.85 0.81
CA GLU A 107 -0.51 11.52 0.29
C GLU A 107 0.02 10.57 1.35
N VAL A 108 0.96 11.03 2.15
CA VAL A 108 1.54 10.25 3.22
C VAL A 108 0.51 9.98 4.32
N ALA A 110 -2.71 9.88 3.90
CA ALA A 110 -3.62 8.91 3.32
C ALA A 110 -3.09 7.46 3.27
N ARG A 111 -1.78 7.29 3.07
CA ARG A 111 -1.17 5.95 3.06
C ARG A 111 -1.10 5.36 4.46
N GLN A 113 -3.08 6.16 6.99
CA GLN A 113 -4.44 5.84 7.36
C GLN A 113 -4.89 4.55 6.71
N ALA A 114 -4.68 4.41 5.39
CA ALA A 114 -5.00 3.15 4.74
C ALA A 114 -4.43 1.98 5.53
N LEU A 115 -3.16 2.06 5.95
CA LEU A 115 -2.57 0.95 6.69
C LEU A 115 -3.10 0.78 8.13
N ARG A 117 -6.09 1.61 9.13
CA ARG A 117 -7.45 1.12 8.84
C ARG A 117 -7.45 -0.41 8.72
N ARG A 118 -6.54 -0.93 7.89
CA ARG A 118 -6.53 -2.38 7.64
C ARG A 118 -5.97 -3.20 8.81
N ASN A 119 -5.18 -2.53 9.66
CA ASN A 119 -4.40 -3.20 10.70
C ASN A 119 -4.52 -2.46 12.03
N ARG B 2 -7.27 -16.97 -2.90
CA ARG B 2 -8.21 -16.64 -3.94
C ARG B 2 -8.16 -15.14 -4.29
N VAL B 3 -7.87 -14.83 -5.56
CA VAL B 3 -7.76 -13.46 -6.05
C VAL B 3 -8.87 -13.11 -7.05
N LEU B 4 -9.57 -12.02 -6.77
CA LEU B 4 -10.53 -11.52 -7.72
C LEU B 4 -9.94 -10.38 -8.55
N VAL B 5 -9.85 -10.58 -9.84
CA VAL B 5 -9.42 -9.53 -10.76
C VAL B 5 -10.61 -8.93 -11.51
N VAL B 6 -10.78 -7.60 -11.41
CA VAL B 6 -11.80 -6.88 -12.18
C VAL B 6 -11.18 -5.83 -13.09
N GLU B 7 -11.23 -6.17 -14.39
CA GLU B 7 -10.47 -5.51 -15.42
C GLU B 7 -11.25 -5.62 -16.70
N ASP B 8 -11.41 -4.46 -17.33
CA ASP B 8 -12.29 -4.38 -18.47
C ASP B 8 -11.56 -4.78 -19.75
N ASN B 9 -10.26 -4.55 -19.81
CA ASN B 9 -9.50 -4.95 -20.98
C ASN B 9 -9.21 -6.44 -20.91
N ALA B 10 -9.84 -7.20 -21.80
CA ALA B 10 -9.64 -8.66 -21.92
C ALA B 10 -8.19 -9.15 -21.88
N LEU B 11 -7.30 -8.50 -22.62
CA LEU B 11 -5.92 -8.97 -22.68
C LEU B 11 -5.18 -8.81 -21.35
N LEU B 12 -5.37 -7.68 -20.70
CA LEU B 12 -4.79 -7.40 -19.40
C LEU B 12 -5.34 -8.36 -18.37
N ARG B 13 -6.66 -8.53 -18.40
CA ARG B 13 -7.37 -9.38 -17.49
C ARG B 13 -6.79 -10.77 -17.59
N HIS B 14 -6.52 -11.24 -18.81
CA HIS B 14 -6.06 -12.63 -18.98
C HIS B 14 -4.62 -12.77 -18.51
N HIS B 15 -3.80 -11.81 -18.89
CA HIS B 15 -2.43 -11.74 -18.42
C HIS B 15 -2.37 -11.81 -16.91
N LEU B 16 -3.20 -10.96 -16.25
CA LEU B 16 -3.23 -10.91 -14.78
C LEU B 16 -3.50 -12.25 -14.23
N LYS B 17 -4.53 -12.90 -14.75
CA LYS B 17 -4.97 -14.19 -14.22
C LYS B 17 -3.95 -15.28 -14.40
N VAL B 18 -3.25 -15.29 -15.52
CA VAL B 18 -2.35 -16.41 -15.74
C VAL B 18 -1.09 -16.22 -14.88
N GLN B 19 -0.60 -14.99 -14.76
CA GLN B 19 0.53 -14.71 -13.90
C GLN B 19 0.26 -15.07 -12.44
N ILE B 20 -0.91 -14.68 -11.93
CA ILE B 20 -1.28 -14.91 -10.54
C ILE B 20 -1.55 -16.38 -10.31
N GLN B 21 -2.13 -17.03 -11.33
CA GLN B 21 -2.33 -18.49 -11.30
C GLN B 21 -1.00 -19.26 -11.24
N ASP B 22 -0.05 -18.79 -12.03
CA ASP B 22 1.26 -19.40 -12.08
C ASP B 22 2.03 -19.24 -10.78
N ALA B 23 1.66 -18.25 -9.98
CA ALA B 23 2.26 -18.05 -8.66
C ALA B 23 1.52 -18.89 -7.61
N GLY B 24 0.58 -19.75 -8.03
CA GLY B 24 -0.10 -20.64 -7.09
C GLY B 24 -1.47 -20.23 -6.57
N HIS B 25 -2.05 -19.14 -7.08
CA HIS B 25 -3.41 -18.76 -6.63
C HIS B 25 -4.58 -19.16 -7.58
N GLN B 26 -5.78 -19.18 -7.02
CA GLN B 26 -6.99 -19.29 -7.81
C GLN B 26 -7.48 -17.86 -8.09
N VAL B 27 -7.96 -17.63 -9.30
CA VAL B 27 -8.36 -16.30 -9.72
C VAL B 27 -9.73 -16.33 -10.32
N ASP B 28 -10.60 -15.44 -9.85
CA ASP B 28 -11.84 -15.09 -10.54
C ASP B 28 -11.55 -13.85 -11.38
N ASP B 29 -11.91 -13.88 -12.64
CA ASP B 29 -11.72 -12.68 -13.44
C ASP B 29 -13.06 -12.15 -13.92
N ALA B 30 -13.35 -10.90 -13.56
CA ALA B 30 -14.60 -10.28 -13.87
C ALA B 30 -14.31 -9.16 -14.83
N GLU B 31 -15.24 -8.89 -15.73
CA GLU B 31 -14.99 -7.83 -16.68
C GLU B 31 -15.70 -6.53 -16.36
N ASP B 32 -16.60 -6.51 -15.38
CA ASP B 32 -17.26 -5.28 -14.98
C ASP B 32 -17.72 -5.40 -13.58
N ALA B 33 -18.21 -4.29 -13.04
CA ALA B 33 -18.56 -4.20 -11.62
C ALA B 33 -19.58 -5.25 -11.18
N LYS B 34 -20.63 -5.40 -11.96
CA LYS B 34 -21.72 -6.35 -11.60
C LYS B 34 -21.22 -7.79 -11.65
N GLU B 35 -20.35 -8.09 -12.62
CA GLU B 35 -19.71 -9.39 -12.61
C GLU B 35 -18.81 -9.53 -11.38
N ALA B 36 -18.21 -8.42 -10.95
CA ALA B 36 -17.39 -8.45 -9.76
C ALA B 36 -18.24 -8.81 -8.59
N ASP B 37 -19.43 -8.22 -8.48
CA ASP B 37 -20.36 -8.55 -7.40
C ASP B 37 -20.66 -10.03 -7.50
N TYR B 38 -20.69 -10.56 -8.73
CA TYR B 38 -21.03 -11.98 -8.91
C TYR B 38 -19.95 -12.82 -8.22
N TYR B 39 -18.70 -12.66 -8.63
CA TYR B 39 -17.64 -13.40 -7.98
C TYR B 39 -17.53 -13.15 -6.48
N LEU B 40 -17.68 -11.90 -6.06
CA LEU B 40 -17.55 -11.61 -4.65
C LEU B 40 -18.53 -12.47 -3.83
N ASN B 41 -19.80 -12.52 -4.23
CA ASN B 41 -20.82 -13.29 -3.54
C ASN B 41 -20.67 -14.83 -3.66
N GLU B 42 -20.13 -15.35 -4.76
CA GLU B 42 -20.00 -16.78 -4.96
C GLU B 42 -18.89 -17.34 -4.06
N HIS B 43 -17.66 -16.85 -4.24
CA HIS B 43 -16.59 -17.18 -3.29
C HIS B 43 -15.98 -15.89 -2.76
N ILE B 44 -16.00 -15.66 -1.45
CA ILE B 44 -15.29 -14.49 -0.93
C ILE B 44 -13.78 -14.62 -1.30
N PRO B 45 -13.26 -13.70 -2.13
CA PRO B 45 -11.83 -13.72 -2.40
C PRO B 45 -11.02 -13.21 -1.21
N ASP B 46 -9.73 -13.48 -1.19
CA ASP B 46 -8.86 -13.07 -0.11
C ASP B 46 -8.35 -11.70 -0.43
N ILE B 47 -8.35 -11.36 -1.71
CA ILE B 47 -7.82 -10.11 -2.21
C ILE B 47 -8.52 -9.74 -3.56
N ALA B 48 -8.72 -8.46 -3.81
CA ALA B 48 -9.24 -8.05 -5.13
C ALA B 48 -8.38 -7.01 -5.81
N ILE B 49 -8.22 -7.19 -7.11
CA ILE B 49 -7.58 -6.17 -7.94
C ILE B 49 -8.66 -5.52 -8.79
N VAL B 50 -8.87 -4.23 -8.61
CA VAL B 50 -9.95 -3.55 -9.25
C VAL B 50 -9.49 -2.40 -10.12
N ASP B 51 -9.79 -2.49 -11.42
CA ASP B 51 -9.53 -1.39 -12.32
C ASP B 51 -10.65 -0.38 -12.11
N LEU B 52 -10.35 0.92 -12.18
CA LEU B 52 -11.38 1.91 -11.88
C LEU B 52 -12.26 2.19 -13.08
N GLY B 53 -11.71 2.00 -14.28
CA GLY B 53 -12.43 2.24 -15.51
C GLY B 53 -13.32 1.10 -15.94
N LEU B 54 -14.38 0.88 -15.19
CA LEU B 54 -15.34 -0.17 -15.55
C LEU B 54 -16.54 0.43 -16.29
N PRO B 55 -17.13 -0.30 -17.27
CA PRO B 55 -18.17 0.34 -18.15
C PRO B 55 -19.51 0.47 -17.44
N ASP B 56 -19.64 -0.42 -16.47
CA ASP B 56 -20.73 -0.61 -15.51
C ASP B 56 -21.01 0.57 -14.57
N GLU B 57 -19.99 0.82 -13.75
CA GLU B 57 -20.07 1.59 -12.55
C GLU B 57 -18.62 1.88 -12.29
N ASP B 58 -18.32 3.14 -11.98
CA ASP B 58 -16.96 3.50 -11.69
C ASP B 58 -16.39 2.56 -10.56
N GLY B 59 -15.10 2.27 -10.61
CA GLY B 59 -14.42 1.51 -9.56
C GLY B 59 -14.49 2.10 -8.15
N LEU B 60 -14.41 3.43 -8.03
CA LEU B 60 -14.63 4.11 -6.71
C LEU B 60 -16.02 3.84 -6.12
N SER B 61 -17.07 3.99 -6.95
CA SER B 61 -18.42 3.62 -6.58
C SER B 61 -18.45 2.17 -6.14
N LEU B 62 -17.79 1.29 -6.89
CA LEU B 62 -17.73 -0.10 -6.52
C LEU B 62 -17.08 -0.31 -5.15
N ILE B 63 -15.89 0.27 -4.92
CA ILE B 63 -15.18 0.15 -3.61
C ILE B 63 -16.06 0.72 -2.49
N ARG B 64 -16.67 1.88 -2.74
CA ARG B 64 -17.46 2.56 -1.70
C ARG B 64 -18.60 1.67 -1.25
N ARG B 65 -19.25 1.07 -2.25
CA ARG B 65 -20.43 0.27 -2.05
C ARG B 65 -20.04 -0.98 -1.30
N TRP B 66 -19.00 -1.68 -1.74
CA TRP B 66 -18.51 -2.82 -0.96
C TRP B 66 -18.19 -2.45 0.49
N ARG B 67 -17.49 -1.33 0.72
CA ARG B 67 -17.03 -1.03 2.08
C ARG B 67 -18.22 -0.74 2.94
N SER B 68 -19.20 -0.04 2.37
CA SER B 68 -20.34 0.41 3.13
C SER B 68 -21.20 -0.77 3.50
N ASN B 69 -20.93 -1.94 2.91
CA ASN B 69 -21.58 -3.24 3.22
C ASN B 69 -20.62 -4.15 3.98
N ASP B 70 -19.62 -3.56 4.62
CA ASP B 70 -18.66 -4.31 5.47
C ASP B 70 -17.92 -5.47 4.76
N VAL B 71 -17.74 -5.35 3.44
CA VAL B 71 -16.73 -6.14 2.72
C VAL B 71 -15.37 -5.56 3.12
N SER B 72 -14.53 -6.34 3.80
CA SER B 72 -13.30 -5.79 4.35
C SER B 72 -12.00 -6.31 3.74
N LEU B 73 -12.07 -7.07 2.65
CA LEU B 73 -10.82 -7.66 2.11
C LEU B 73 -9.90 -6.59 1.45
N PRO B 74 -8.59 -6.87 1.33
CA PRO B 74 -7.70 -5.89 0.69
C PRO B 74 -7.95 -5.63 -0.82
N ILE B 75 -7.92 -4.36 -1.24
CA ILE B 75 -8.22 -4.03 -2.61
C ILE B 75 -7.09 -3.20 -3.17
N LEU B 76 -6.57 -3.63 -4.31
CA LEU B 76 -5.49 -2.96 -5.00
C LEU B 76 -6.13 -2.43 -6.26
N VAL B 77 -5.99 -1.13 -6.46
CA VAL B 77 -6.66 -0.44 -7.55
C VAL B 77 -5.74 -0.31 -8.76
N LEU B 78 -6.28 -0.48 -9.95
CA LEU B 78 -5.56 -0.14 -11.16
C LEU B 78 -6.21 1.12 -11.65
N THR B 79 -5.41 2.11 -12.03
CA THR B 79 -5.99 3.40 -12.43
C THR B 79 -5.23 4.24 -13.48
N ALA B 80 -5.98 4.86 -14.38
CA ALA B 80 -5.44 5.89 -15.26
C ALA B 80 -5.10 7.16 -14.44
N ARG B 81 -6.01 7.56 -13.55
CA ARG B 81 -5.92 8.81 -12.74
C ARG B 81 -4.70 8.77 -11.84
N GLU B 82 -3.89 9.82 -11.85
CA GLU B 82 -2.61 9.74 -11.14
C GLU B 82 -2.16 11.00 -10.42
N SER B 83 -2.99 12.04 -10.40
CA SER B 83 -2.69 13.17 -9.55
C SER B 83 -2.65 12.72 -8.06
N TRP B 84 -2.07 13.56 -7.20
CA TRP B 84 -1.99 13.18 -5.81
C TRP B 84 -3.37 13.18 -5.15
N GLN B 85 -4.27 14.05 -5.60
CA GLN B 85 -5.62 14.12 -5.06
C GLN B 85 -6.33 12.83 -5.45
N ASP B 86 -6.14 12.36 -6.68
CA ASP B 86 -6.76 11.09 -7.12
C ASP B 86 -6.42 9.95 -6.18
N LYS B 87 -5.11 9.82 -5.88
CA LYS B 87 -4.57 8.83 -4.97
C LYS B 87 -5.15 8.96 -3.56
N VAL B 88 -5.25 10.18 -3.03
CA VAL B 88 -5.88 10.37 -1.71
C VAL B 88 -7.34 9.91 -1.75
N GLU B 89 -8.05 10.32 -2.80
CA GLU B 89 -9.45 9.98 -3.00
C GLU B 89 -9.64 8.46 -3.07
N VAL B 90 -8.87 7.78 -3.91
CA VAL B 90 -8.90 6.32 -4.03
C VAL B 90 -8.69 5.61 -2.66
N LEU B 91 -7.61 5.98 -1.95
CA LEU B 91 -7.34 5.44 -0.61
C LEU B 91 -8.48 5.78 0.36
N SER B 92 -9.03 6.96 0.19
CA SER B 92 -10.00 7.46 1.09
C SER B 92 -11.35 6.76 0.89
N ALA B 93 -11.55 6.23 -0.32
CA ALA B 93 -12.78 5.52 -0.68
C ALA B 93 -12.80 4.09 -0.15
N GLY B 94 -11.64 3.62 0.28
CA GLY B 94 -11.54 2.27 0.84
C GLY B 94 -10.49 1.36 0.22
N ALA B 95 -9.82 1.82 -0.82
CA ALA B 95 -8.73 1.02 -1.37
C ALA B 95 -7.52 1.06 -0.44
N ASP B 96 -6.79 -0.03 -0.49
CA ASP B 96 -5.60 -0.18 0.29
C ASP B 96 -4.38 0.27 -0.50
N ASP B 97 -4.47 0.25 -1.83
CA ASP B 97 -3.33 0.55 -2.65
C ASP B 97 -3.74 0.74 -4.08
N TYR B 98 -2.82 1.24 -4.91
CA TYR B 98 -3.10 1.50 -6.32
C TYR B 98 -1.87 1.33 -7.17
N VAL B 99 -2.05 0.96 -8.44
CA VAL B 99 -0.94 1.10 -9.39
C VAL B 99 -1.38 1.95 -10.56
N THR B 100 -0.55 2.89 -10.95
CA THR B 100 -0.89 3.79 -12.04
C THR B 100 -0.53 3.14 -13.38
N LYS B 101 -1.33 3.44 -14.40
CA LYS B 101 -1.08 2.97 -15.78
C LYS B 101 -0.36 4.08 -16.56
N PRO B 102 0.50 3.70 -17.51
CA PRO B 102 0.89 2.32 -17.82
C PRO B 102 1.77 1.71 -16.73
N PHE B 103 1.61 0.40 -16.54
CA PHE B 103 2.44 -0.35 -15.61
C PHE B 103 3.00 -1.62 -16.24
N HIS B 104 4.11 -2.05 -15.67
CA HIS B 104 4.63 -3.36 -15.91
C HIS B 104 3.78 -4.26 -15.00
N ILE B 105 3.53 -5.48 -15.49
CA ILE B 105 2.77 -6.49 -14.73
C ILE B 105 3.48 -6.98 -13.46
N GLU B 106 4.80 -6.98 -13.44
CA GLU B 106 5.56 -7.30 -12.22
C GLU B 106 5.32 -6.27 -11.11
N GLU B 107 4.87 -5.08 -11.49
CA GLU B 107 4.55 -4.10 -10.45
C GLU B 107 3.26 -4.43 -9.64
N VAL B 108 2.21 -4.90 -10.32
CA VAL B 108 0.94 -5.33 -9.72
C VAL B 108 1.15 -6.59 -8.90
N ALA B 110 3.89 -7.43 -7.43
CA ALA B 110 4.64 -7.03 -6.23
C ALA B 110 3.75 -6.33 -5.19
N ARG B 111 2.89 -5.43 -5.65
CA ARG B 111 1.91 -4.83 -4.74
C ARG B 111 0.93 -5.84 -4.09
N GLN B 113 1.39 -8.99 -3.69
CA GLN B 113 2.18 -9.85 -2.77
C GLN B 113 2.33 -9.21 -1.41
N ALA B 114 2.65 -7.90 -1.41
CA ALA B 114 2.77 -7.16 -0.16
C ALA B 114 1.47 -7.10 0.60
N LEU B 115 0.36 -6.98 -0.08
CA LEU B 115 -0.93 -7.02 0.66
C LEU B 115 -1.24 -8.45 1.20
N ARG B 117 1.01 -10.63 2.04
CA ARG B 117 1.89 -10.87 3.15
C ARG B 117 1.36 -10.24 4.46
N ARG B 118 0.98 -8.97 4.40
CA ARG B 118 0.34 -8.32 5.53
C ARG B 118 -0.96 -9.07 5.99
N ASN B 119 -1.90 -9.23 5.05
CA ASN B 119 -3.24 -9.79 5.30
C ASN B 119 -3.19 -11.10 6.04
N SER B 120 -2.42 -12.04 5.49
CA SER B 120 -2.13 -13.31 6.15
C SER B 120 -0.86 -13.21 7.03
#